data_9DRN
#
_entry.id   9DRN
#
_cell.length_a   62.865
_cell.length_b   69.748
_cell.length_c   115.458
_cell.angle_alpha   90.00
_cell.angle_beta   90.00
_cell.angle_gamma   90.00
#
_symmetry.space_group_name_H-M   'P 21 21 21'
#
loop_
_entity.id
_entity.type
_entity.pdbx_description
1 polymer 'Biotin--[acetyl-CoA-carboxylase] ligase'
2 non-polymer "5'-deoxy-5'-(4-{5-[(3aS,4S,6aR)-2-oxohexahydro-1H-thieno[3,4-d]imidazol-4-yl]pentyl}-1H-1,2,3-triazol-1-yl)adenosine"
3 water water
#
_entity_poly.entity_id   1
_entity_poly.type   'polypeptide(L)'
_entity_poly.pdbx_seq_one_letter_code
;DRDRLRPPLDERSLRDQLIGAGSGWRQLDVVAQTGSTNADLLARAASGADIDGVVLIAEHQTAGRGRHGRGWAATARAQI
ILSVGVRVVDVPVQAWGWLSLAAGLAVLDSVAPLIAVPPAETGLKWPNDVLARGGKLAGILAEVAQPFVVLGVGLNVTQA
PEEVDPDATSLLDLGVAAPDRNRIASRLLRELEARIIQWRNANPQLAADYRARSLTIGSRVRVELPGGQDVVGIARDIDD
QGRLCLDVGGRTVVVSAGDVVHLR
;
_entity_poly.pdbx_strand_id   B,A
#
loop_
_chem_comp.id
_chem_comp.type
_chem_comp.name
_chem_comp.formula
A1BGF non-polymer 5'-deoxy-5'-(4-{5-[(3aS,4S,6aR)-2-oxohexahydro-1H-thieno[3,4-d]imidazol-4-yl]pentyl}-1H-1,2,3-triazol-1-yl)adenosine 'C22 H30 N10 O4 S'
#
# COMPACT_ATOMS: atom_id res chain seq x y z
N ASP A 3 24.17 -3.09 -39.35
CA ASP A 3 25.45 -3.80 -39.27
C ASP A 3 25.39 -5.09 -40.09
N ARG A 4 26.45 -5.87 -39.94
CA ARG A 4 26.59 -7.13 -40.66
C ARG A 4 25.63 -8.19 -40.13
N LEU A 5 25.22 -8.08 -38.87
CA LEU A 5 24.48 -9.15 -38.22
C LEU A 5 23.00 -8.87 -38.11
N ARG A 6 22.50 -7.88 -38.85
CA ARG A 6 21.12 -7.41 -38.73
C ARG A 6 20.36 -7.55 -40.04
N PRO A 7 19.98 -8.78 -40.40
CA PRO A 7 18.97 -8.96 -41.45
C PRO A 7 17.65 -8.32 -41.06
N PRO A 8 16.81 -8.00 -42.04
CA PRO A 8 15.43 -7.58 -41.75
C PRO A 8 14.54 -8.78 -41.45
N LEU A 9 13.27 -8.48 -41.16
CA LEU A 9 12.32 -9.51 -40.78
C LEU A 9 11.71 -10.17 -42.00
N ASP A 10 10.78 -11.10 -41.75
CA ASP A 10 9.92 -11.63 -42.79
C ASP A 10 8.51 -11.61 -42.26
N GLU A 11 7.71 -10.68 -42.76
CA GLU A 11 6.30 -10.63 -42.40
C GLU A 11 5.59 -11.91 -42.81
N ARG A 12 5.97 -12.49 -43.94
CA ARG A 12 5.27 -13.69 -44.42
C ARG A 12 5.51 -14.87 -43.48
N SER A 13 6.77 -15.16 -43.18
CA SER A 13 7.09 -16.28 -42.29
C SER A 13 6.35 -16.16 -40.96
N LEU A 14 6.45 -15.00 -40.30
CA LEU A 14 5.81 -14.82 -39.01
C LEU A 14 4.32 -15.13 -39.11
N ARG A 15 3.66 -14.56 -40.11
CA ARG A 15 2.25 -14.83 -40.37
C ARG A 15 1.98 -16.34 -40.33
N ASP A 16 2.70 -17.08 -41.16
CA ASP A 16 2.42 -18.50 -41.29
C ASP A 16 2.67 -19.26 -40.00
N GLN A 17 3.66 -18.85 -39.21
CA GLN A 17 3.95 -19.57 -37.98
C GLN A 17 2.89 -19.26 -36.92
N LEU A 18 2.35 -18.05 -36.93
CA LEU A 18 1.53 -17.58 -35.80
C LEU A 18 0.05 -17.43 -36.13
N ILE A 19 -0.30 -16.64 -37.14
CA ILE A 19 -1.68 -16.16 -37.29
C ILE A 19 -2.65 -17.30 -37.60
N GLY A 20 -3.38 -17.76 -36.58
CA GLY A 20 -4.26 -18.92 -36.71
C GLY A 20 -3.58 -20.28 -36.57
N ALA A 21 -2.27 -20.39 -36.75
CA ALA A 21 -1.64 -21.70 -36.85
C ALA A 21 -1.01 -22.14 -35.52
N GLY A 22 0.03 -21.47 -35.08
CA GLY A 22 0.63 -21.87 -33.82
C GLY A 22 0.41 -20.92 -32.66
N SER A 23 -0.71 -20.18 -32.67
CA SER A 23 -0.94 -19.11 -31.71
C SER A 23 -2.37 -18.61 -31.82
N GLY A 24 -2.77 -17.79 -30.86
CA GLY A 24 -4.10 -17.24 -30.83
C GLY A 24 -4.20 -15.87 -31.42
N TRP A 25 -3.08 -15.35 -31.94
CA TRP A 25 -3.04 -13.98 -32.45
C TRP A 25 -3.77 -13.90 -33.78
N ARG A 26 -4.46 -12.77 -33.99
CA ARG A 26 -5.39 -12.61 -35.13
C ARG A 26 -4.79 -11.90 -36.34
N GLN A 27 -3.76 -11.07 -36.17
CA GLN A 27 -3.26 -10.24 -37.25
C GLN A 27 -1.86 -9.76 -36.91
N LEU A 28 -1.02 -9.66 -37.95
CA LEU A 28 0.40 -9.34 -37.75
C LEU A 28 0.91 -8.47 -38.89
N ASP A 29 1.45 -7.30 -38.55
CA ASP A 29 2.01 -6.38 -39.52
C ASP A 29 3.41 -5.97 -39.09
N VAL A 30 4.38 -6.04 -40.02
CA VAL A 30 5.70 -5.43 -39.87
C VAL A 30 5.72 -4.13 -40.65
N VAL A 31 6.26 -3.07 -40.05
CA VAL A 31 6.49 -1.78 -40.69
C VAL A 31 7.97 -1.46 -40.55
N ALA A 32 8.51 -0.71 -41.51
CA ALA A 32 9.93 -0.40 -41.44
C ALA A 32 10.23 0.74 -40.48
N GLN A 33 9.26 1.61 -40.23
CA GLN A 33 9.51 2.80 -39.44
C GLN A 33 8.19 3.45 -39.02
N THR A 34 8.05 3.69 -37.72
CA THR A 34 6.94 4.45 -37.15
C THR A 34 7.50 5.30 -36.02
N GLY A 35 6.60 5.98 -35.32
CA GLY A 35 6.97 6.77 -34.16
C GLY A 35 6.99 5.92 -32.90
N SER A 36 5.85 5.31 -32.58
CA SER A 36 5.72 4.44 -31.43
C SER A 36 4.69 3.37 -31.74
N THR A 37 5.07 2.10 -31.59
CA THR A 37 4.14 1.02 -31.89
C THR A 37 2.96 1.05 -30.94
N ASN A 38 3.21 1.41 -29.66
CA ASN A 38 2.12 1.62 -28.70
C ASN A 38 1.14 2.67 -29.24
N ALA A 39 1.67 3.86 -29.57
CA ALA A 39 0.89 4.94 -30.19
C ALA A 39 -0.01 4.43 -31.30
N ASP A 40 0.58 3.79 -32.32
CA ASP A 40 -0.19 3.31 -33.47
C ASP A 40 -1.35 2.42 -33.05
N LEU A 41 -1.12 1.50 -32.13
CA LEU A 41 -2.19 0.59 -31.75
C LEU A 41 -3.24 1.30 -30.90
N LEU A 42 -2.84 2.32 -30.14
CA LEU A 42 -3.82 3.13 -29.43
C LEU A 42 -4.65 3.98 -30.40
N ALA A 43 -3.97 4.69 -31.31
CA ALA A 43 -4.69 5.48 -32.29
C ALA A 43 -5.68 4.63 -33.05
N ARG A 44 -5.30 3.38 -33.28
CA ARG A 44 -6.10 2.50 -34.11
C ARG A 44 -7.37 2.08 -33.37
N ALA A 45 -7.25 1.84 -32.06
CA ALA A 45 -8.42 1.48 -31.23
C ALA A 45 -9.34 2.67 -31.03
N ALA A 46 -8.77 3.85 -30.81
CA ALA A 46 -9.54 5.07 -30.68
C ALA A 46 -10.27 5.44 -31.97
N SER A 47 -9.81 4.91 -33.11
CA SER A 47 -10.55 5.08 -34.36
C SER A 47 -11.80 4.19 -34.42
N GLY A 48 -11.91 3.18 -33.57
CA GLY A 48 -13.03 2.27 -33.55
C GLY A 48 -12.69 0.82 -33.85
N ALA A 49 -11.47 0.57 -34.34
CA ALA A 49 -11.04 -0.78 -34.68
C ALA A 49 -10.90 -1.64 -33.42
N ASP A 50 -11.35 -2.89 -33.53
CA ASP A 50 -11.03 -3.91 -32.54
C ASP A 50 -9.56 -4.28 -32.70
N ILE A 51 -8.79 -4.18 -31.61
CA ILE A 51 -7.38 -4.54 -31.65
C ILE A 51 -7.06 -5.72 -30.75
N ASP A 52 -8.08 -6.36 -30.19
CA ASP A 52 -7.84 -7.56 -29.40
C ASP A 52 -7.31 -8.63 -30.33
N GLY A 53 -6.03 -8.94 -30.20
CA GLY A 53 -5.39 -9.94 -31.02
C GLY A 53 -4.43 -9.38 -32.04
N VAL A 54 -4.38 -8.06 -32.21
CA VAL A 54 -3.57 -7.45 -33.26
C VAL A 54 -2.13 -7.33 -32.79
N VAL A 55 -1.18 -7.65 -33.68
CA VAL A 55 0.25 -7.51 -33.41
C VAL A 55 0.85 -6.52 -34.39
N LEU A 56 1.64 -5.58 -33.87
CA LEU A 56 2.37 -4.61 -34.69
C LEU A 56 3.84 -4.65 -34.31
N ILE A 57 4.68 -4.81 -35.31
CA ILE A 57 6.13 -4.90 -35.18
C ILE A 57 6.74 -3.80 -36.04
N ALA A 58 7.79 -3.16 -35.55
CA ALA A 58 8.49 -2.12 -36.30
C ALA A 58 9.96 -2.47 -36.42
N GLU A 59 10.54 -2.17 -37.58
CA GLU A 59 11.98 -2.40 -37.75
C GLU A 59 12.79 -1.30 -37.07
N HIS A 60 12.28 -0.07 -37.10
CA HIS A 60 12.90 1.06 -36.44
C HIS A 60 11.79 1.93 -35.87
N GLN A 61 12.11 2.61 -34.77
CA GLN A 61 11.17 3.43 -34.02
C GLN A 61 11.91 4.69 -33.62
N THR A 62 11.28 5.86 -33.79
CA THR A 62 11.97 7.14 -33.64
C THR A 62 11.61 7.89 -32.36
N ALA A 63 10.33 7.95 -31.99
CA ALA A 63 9.89 8.60 -30.77
C ALA A 63 9.43 7.56 -29.77
N GLY A 64 10.39 6.79 -29.23
CA GLY A 64 10.04 5.71 -28.32
C GLY A 64 9.45 6.22 -27.01
N ARG A 65 8.53 5.42 -26.46
CA ARG A 65 7.88 5.73 -25.18
C ARG A 65 8.46 4.85 -24.07
N GLY A 66 9.00 5.49 -23.02
CA GLY A 66 9.23 4.85 -21.76
C GLY A 66 8.10 5.19 -20.77
N ARG A 67 8.15 4.52 -19.62
CA ARG A 67 7.15 4.77 -18.58
C ARG A 67 7.44 6.10 -17.90
N HIS A 68 6.42 6.61 -17.20
CA HIS A 68 6.56 7.80 -16.36
C HIS A 68 7.13 8.98 -17.14
N GLY A 69 6.88 9.01 -18.43
CA GLY A 69 7.36 10.14 -19.21
C GLY A 69 8.52 9.86 -20.14
N ARG A 70 9.58 9.20 -19.64
CA ARG A 70 10.86 9.12 -20.36
C ARG A 70 10.70 8.40 -21.69
N GLY A 71 11.81 8.23 -22.41
CA GLY A 71 11.76 7.77 -23.79
C GLY A 71 12.70 6.63 -24.12
N TRP A 72 12.21 5.71 -24.96
CA TRP A 72 12.96 4.54 -25.41
C TRP A 72 13.63 4.83 -26.74
N ALA A 73 14.86 4.37 -26.89
CA ALA A 73 15.64 4.67 -28.09
C ALA A 73 15.97 3.40 -28.87
N ALA A 74 16.03 3.53 -30.19
CA ALA A 74 16.19 2.37 -31.06
C ALA A 74 17.07 2.71 -32.27
N THR A 75 17.77 1.70 -32.77
CA THR A 75 18.52 1.74 -34.02
C THR A 75 18.04 0.65 -34.97
N ALA A 76 17.80 1.03 -36.23
CA ALA A 76 17.22 0.18 -37.26
C ALA A 76 17.69 -1.27 -37.20
N ARG A 77 16.71 -2.19 -37.08
CA ARG A 77 16.88 -3.64 -37.12
C ARG A 77 17.67 -4.21 -35.94
N ALA A 78 17.93 -3.41 -34.91
CA ALA A 78 18.81 -3.88 -33.86
C ALA A 78 18.05 -4.50 -32.70
N GLN A 79 16.80 -4.11 -32.49
CA GLN A 79 15.99 -4.68 -31.45
C GLN A 79 14.79 -5.38 -32.07
N ILE A 80 14.07 -6.08 -31.22
CA ILE A 80 12.73 -6.53 -31.55
C ILE A 80 11.77 -5.56 -30.86
N ILE A 81 11.02 -4.81 -31.65
CA ILE A 81 10.15 -3.73 -31.16
C ILE A 81 8.71 -4.05 -31.56
N LEU A 82 7.84 -4.31 -30.58
CA LEU A 82 6.48 -4.71 -30.91
C LEU A 82 5.47 -4.29 -29.85
N SER A 83 4.22 -4.14 -30.30
CA SER A 83 3.09 -3.96 -29.40
C SER A 83 1.98 -4.93 -29.79
N VAL A 84 1.11 -5.24 -28.81
CA VAL A 84 -0.04 -6.12 -29.03
C VAL A 84 -1.25 -5.61 -28.25
N GLY A 85 -2.43 -6.01 -28.71
CA GLY A 85 -3.70 -5.56 -28.13
C GLY A 85 -4.42 -6.68 -27.43
N VAL A 86 -4.92 -6.40 -26.23
CA VAL A 86 -5.66 -7.36 -25.41
C VAL A 86 -6.94 -6.70 -24.91
N ARG A 87 -8.05 -7.43 -24.92
CA ARG A 87 -9.29 -6.96 -24.28
C ARG A 87 -9.24 -7.28 -22.80
N VAL A 88 -9.45 -6.27 -21.96
CA VAL A 88 -9.21 -6.40 -20.52
C VAL A 88 -10.49 -6.28 -19.69
N VAL A 89 -11.52 -5.57 -20.15
CA VAL A 89 -12.63 -5.21 -19.28
C VAL A 89 -13.33 -6.43 -18.68
N ASP A 90 -13.03 -7.62 -19.17
CA ASP A 90 -13.49 -8.87 -18.58
C ASP A 90 -12.76 -9.21 -17.28
N VAL A 91 -11.89 -8.33 -16.79
CA VAL A 91 -10.99 -8.61 -15.66
C VAL A 91 -11.14 -7.49 -14.63
N PRO A 92 -10.99 -7.78 -13.33
CA PRO A 92 -10.95 -6.71 -12.32
C PRO A 92 -9.98 -5.61 -12.72
N VAL A 93 -10.20 -4.40 -12.21
CA VAL A 93 -9.30 -3.31 -12.58
C VAL A 93 -8.04 -3.31 -11.70
N GLN A 94 -8.07 -3.97 -10.54
CA GLN A 94 -6.84 -4.55 -10.01
C GLN A 94 -6.28 -5.51 -11.04
N ALA A 95 -5.09 -6.01 -10.78
CA ALA A 95 -4.52 -7.01 -11.68
C ALA A 95 -4.41 -6.53 -13.12
N TRP A 96 -4.67 -5.26 -13.41
CA TRP A 96 -4.26 -4.79 -14.73
C TRP A 96 -2.78 -4.46 -14.74
N GLY A 97 -2.28 -3.98 -13.60
CA GLY A 97 -0.85 -3.79 -13.46
C GLY A 97 -0.08 -5.10 -13.49
N TRP A 98 -0.74 -6.19 -13.11
CA TRP A 98 -0.16 -7.53 -13.19
C TRP A 98 0.06 -7.97 -14.62
N LEU A 99 -0.44 -7.21 -15.59
CA LEU A 99 -0.28 -7.59 -16.97
C LEU A 99 1.06 -7.13 -17.53
N SER A 100 1.48 -5.89 -17.26
CA SER A 100 2.83 -5.48 -17.64
C SER A 100 3.88 -6.34 -16.96
N LEU A 101 3.61 -6.78 -15.72
CA LEU A 101 4.49 -7.77 -15.11
C LEU A 101 4.56 -9.03 -15.96
N ALA A 102 3.40 -9.57 -16.33
CA ALA A 102 3.35 -10.83 -17.07
C ALA A 102 4.21 -10.78 -18.33
N ALA A 103 4.23 -9.64 -19.04
CA ALA A 103 5.06 -9.52 -20.23
C ALA A 103 6.53 -9.64 -19.88
N GLY A 104 6.93 -9.07 -18.75
CA GLY A 104 8.30 -9.27 -18.28
C GLY A 104 8.70 -10.73 -18.27
N LEU A 105 7.85 -11.58 -17.72
CA LEU A 105 8.13 -13.03 -17.66
C LEU A 105 8.16 -13.64 -19.06
N ALA A 106 7.24 -13.26 -19.94
CA ALA A 106 7.26 -13.76 -21.31
C ALA A 106 8.53 -13.40 -22.04
N VAL A 107 9.22 -12.35 -21.61
CA VAL A 107 10.44 -11.98 -22.29
C VAL A 107 11.64 -12.68 -21.70
N LEU A 108 11.65 -12.91 -20.38
CA LEU A 108 12.75 -13.64 -19.75
C LEU A 108 12.69 -15.12 -20.09
N ASP A 109 11.47 -15.66 -20.25
CA ASP A 109 11.29 -17.05 -20.66
C ASP A 109 11.77 -17.28 -22.07
N SER A 110 11.40 -16.41 -23.01
CA SER A 110 11.73 -16.67 -24.41
C SER A 110 13.23 -16.64 -24.65
N VAL A 111 13.96 -15.81 -23.90
CA VAL A 111 15.40 -15.66 -24.13
C VAL A 111 16.24 -16.47 -23.15
N ALA A 112 15.66 -16.94 -22.04
CA ALA A 112 16.44 -17.72 -21.09
C ALA A 112 17.09 -18.94 -21.71
N PRO A 113 16.44 -19.68 -22.61
CA PRO A 113 17.11 -20.82 -23.23
C PRO A 113 18.11 -20.47 -24.33
N LEU A 114 18.44 -19.19 -24.54
CA LEU A 114 19.41 -18.82 -25.57
C LEU A 114 20.74 -18.35 -25.02
N ILE A 115 20.74 -17.55 -23.99
CA ILE A 115 21.97 -17.06 -23.39
C ILE A 115 22.51 -18.09 -22.42
N ALA A 116 23.83 -18.13 -22.27
CA ALA A 116 24.50 -19.12 -21.43
C ALA A 116 25.13 -18.44 -20.23
N VAL A 117 24.41 -17.49 -19.66
CA VAL A 117 24.79 -16.84 -18.41
C VAL A 117 24.06 -17.58 -17.30
N PRO A 118 24.67 -17.74 -16.12
CA PRO A 118 23.97 -18.35 -14.97
C PRO A 118 22.59 -17.76 -14.78
N PRO A 119 21.53 -18.57 -14.96
CA PRO A 119 20.17 -18.03 -14.85
C PRO A 119 19.93 -17.20 -13.61
N ALA A 120 20.61 -17.51 -12.50
CA ALA A 120 20.48 -16.75 -11.27
C ALA A 120 20.92 -15.28 -11.38
N GLU A 121 21.60 -14.88 -12.47
CA GLU A 121 22.03 -13.49 -12.58
C GLU A 121 21.13 -12.74 -13.57
N THR A 122 20.11 -13.43 -14.07
CA THR A 122 19.08 -12.86 -14.91
C THR A 122 17.78 -12.92 -14.12
N GLY A 123 17.05 -11.81 -14.15
CA GLY A 123 15.72 -11.81 -13.59
C GLY A 123 14.99 -10.59 -14.07
N LEU A 124 13.88 -10.32 -13.38
CA LEU A 124 13.02 -9.17 -13.65
C LEU A 124 13.21 -8.10 -12.59
N LYS A 125 13.44 -6.86 -13.03
CA LYS A 125 13.44 -5.72 -12.12
C LYS A 125 12.04 -5.13 -12.09
N TRP A 126 11.55 -4.88 -10.95
CA TRP A 126 10.19 -4.40 -10.89
C TRP A 126 10.14 -2.94 -11.31
N PRO A 127 9.09 -2.54 -12.05
CA PRO A 127 8.11 -3.44 -12.65
C PRO A 127 8.22 -3.59 -14.17
N ASN A 128 9.23 -2.95 -14.78
CA ASN A 128 9.21 -2.86 -16.24
C ASN A 128 10.59 -3.01 -16.88
N ASP A 129 11.56 -3.60 -16.19
CA ASP A 129 12.86 -3.86 -16.78
C ASP A 129 13.18 -5.36 -16.72
N VAL A 130 14.05 -5.79 -17.64
CA VAL A 130 14.56 -7.16 -17.73
C VAL A 130 16.08 -7.06 -17.73
N LEU A 131 16.75 -7.91 -16.94
CA LEU A 131 18.20 -7.72 -16.77
C LEU A 131 18.97 -9.02 -16.82
N ALA A 132 20.15 -8.94 -17.43
CA ALA A 132 21.10 -10.06 -17.51
C ALA A 132 22.49 -9.55 -17.17
N ARG A 133 23.05 -10.05 -16.07
CA ARG A 133 24.29 -9.53 -15.48
C ARG A 133 24.29 -7.99 -15.45
N GLY A 134 23.32 -7.44 -14.73
CA GLY A 134 23.29 -6.02 -14.43
C GLY A 134 22.85 -5.12 -15.56
N GLY A 135 22.80 -5.61 -16.80
CA GLY A 135 22.44 -4.77 -17.94
C GLY A 135 20.99 -4.87 -18.31
N LYS A 136 20.48 -3.82 -18.96
CA LYS A 136 19.07 -3.73 -19.37
C LYS A 136 18.90 -4.41 -20.73
N LEU A 137 18.14 -5.52 -20.73
CA LEU A 137 17.91 -6.35 -21.91
C LEU A 137 16.65 -5.96 -22.66
N ALA A 138 15.56 -5.71 -21.95
CA ALA A 138 14.34 -5.26 -22.59
C ALA A 138 13.56 -4.35 -21.65
N GLY A 139 12.71 -3.51 -22.23
CA GLY A 139 11.77 -2.72 -21.48
C GLY A 139 10.34 -2.98 -21.92
N ILE A 140 9.40 -2.79 -21.00
CA ILE A 140 8.00 -3.14 -21.21
C ILE A 140 7.15 -1.94 -20.83
N LEU A 141 6.10 -1.67 -21.61
CA LEU A 141 5.17 -0.60 -21.22
C LEU A 141 3.75 -1.03 -21.53
N ALA A 142 2.89 -1.03 -20.51
CA ALA A 142 1.47 -1.30 -20.68
C ALA A 142 0.71 0.03 -20.67
N GLU A 143 -0.19 0.23 -21.63
CA GLU A 143 -1.00 1.44 -21.67
C GLU A 143 -2.45 1.08 -21.94
N VAL A 144 -3.36 1.87 -21.38
CA VAL A 144 -4.77 1.51 -21.29
C VAL A 144 -5.58 2.30 -22.30
N ALA A 145 -6.63 1.66 -22.82
CA ALA A 145 -7.63 2.30 -23.69
C ALA A 145 -8.87 1.40 -23.74
N GLN A 146 -9.63 1.36 -22.65
CA GLN A 146 -10.66 0.35 -22.49
C GLN A 146 -11.55 0.28 -23.74
N PRO A 147 -11.98 -0.92 -24.15
CA PRO A 147 -11.78 -2.19 -23.43
C PRO A 147 -10.39 -2.87 -23.56
N PHE A 148 -9.38 -2.15 -24.05
CA PHE A 148 -8.12 -2.76 -24.45
C PHE A 148 -6.93 -2.26 -23.62
N VAL A 149 -5.92 -3.12 -23.50
CA VAL A 149 -4.59 -2.74 -23.05
C VAL A 149 -3.62 -2.94 -24.20
N VAL A 150 -2.62 -2.07 -24.30
CA VAL A 150 -1.59 -2.18 -25.31
C VAL A 150 -0.26 -2.41 -24.63
N LEU A 151 0.45 -3.47 -25.04
CA LEU A 151 1.67 -3.95 -24.39
C LEU A 151 2.83 -3.79 -25.36
N GLY A 152 3.85 -3.04 -24.96
CA GLY A 152 5.02 -2.80 -25.79
C GLY A 152 6.28 -3.42 -25.21
N VAL A 153 7.04 -4.10 -26.07
CA VAL A 153 8.29 -4.74 -25.68
C VAL A 153 9.41 -4.16 -26.53
N GLY A 154 10.53 -3.87 -25.91
CA GLY A 154 11.71 -3.53 -26.68
C GLY A 154 12.86 -4.40 -26.28
N LEU A 155 13.14 -5.45 -27.05
CA LEU A 155 14.19 -6.42 -26.72
C LEU A 155 15.46 -6.09 -27.49
N ASN A 156 16.52 -5.75 -26.75
CA ASN A 156 17.81 -5.40 -27.36
C ASN A 156 18.43 -6.67 -27.94
N VAL A 157 18.25 -6.91 -29.24
CA VAL A 157 18.81 -8.12 -29.84
C VAL A 157 20.27 -7.91 -30.25
N THR A 158 20.55 -6.88 -31.07
CA THR A 158 21.93 -6.60 -31.49
C THR A 158 22.32 -5.15 -31.21
N GLN A 159 21.54 -4.46 -30.39
CA GLN A 159 21.94 -3.12 -29.98
C GLN A 159 23.28 -3.17 -29.27
N ALA A 160 24.03 -2.19 -29.51
CA ALA A 160 25.19 -1.96 -28.68
C ALA A 160 24.85 -0.90 -27.65
N PRO A 161 25.48 -0.98 -26.48
CA PRO A 161 25.23 0.03 -25.43
C PRO A 161 25.57 1.46 -25.83
N GLU A 162 26.64 1.67 -26.61
CA GLU A 162 27.08 3.02 -26.99
C GLU A 162 26.16 3.62 -28.04
N GLU A 163 24.93 3.11 -28.14
CA GLU A 163 23.95 3.65 -29.09
C GLU A 163 22.68 4.22 -28.47
N VAL A 164 22.18 3.68 -27.35
CA VAL A 164 20.89 4.08 -26.80
C VAL A 164 20.96 4.33 -25.30
N ASP A 165 21.97 3.75 -24.63
CA ASP A 165 22.17 3.87 -23.18
C ASP A 165 23.40 3.08 -22.71
N PRO A 166 24.18 3.61 -21.77
CA PRO A 166 25.39 2.91 -21.31
C PRO A 166 25.14 1.68 -20.42
N ASP A 167 23.92 1.50 -19.88
CA ASP A 167 23.62 0.28 -19.12
C ASP A 167 22.92 -0.80 -19.94
N ALA A 168 22.48 -0.48 -21.16
CA ALA A 168 21.99 -1.50 -22.06
C ALA A 168 23.06 -2.57 -22.30
N THR A 169 22.60 -3.81 -22.49
CA THR A 169 23.38 -4.84 -23.17
C THR A 169 22.42 -5.55 -24.12
N SER A 170 22.86 -6.67 -24.69
CA SER A 170 22.02 -7.27 -25.72
C SER A 170 22.36 -8.75 -25.84
N LEU A 171 21.47 -9.47 -26.53
CA LEU A 171 21.64 -10.90 -26.74
C LEU A 171 22.96 -11.22 -27.41
N LEU A 172 23.37 -10.37 -28.36
CA LEU A 172 24.70 -10.45 -28.93
C LEU A 172 25.77 -10.41 -27.84
N ASP A 173 25.82 -9.30 -27.08
CA ASP A 173 26.83 -9.08 -26.04
C ASP A 173 26.74 -10.07 -24.88
N LEU A 174 25.79 -11.01 -24.90
CA LEU A 174 25.62 -11.96 -23.82
C LEU A 174 26.05 -13.36 -24.22
N GLY A 175 26.62 -13.54 -25.40
CA GLY A 175 27.03 -14.86 -25.85
C GLY A 175 26.11 -15.49 -26.87
N VAL A 176 25.70 -14.71 -27.87
CA VAL A 176 24.87 -15.20 -28.97
C VAL A 176 25.43 -14.60 -30.25
N ALA A 177 26.08 -15.44 -31.07
CA ALA A 177 26.79 -14.96 -32.27
C ALA A 177 25.81 -14.51 -33.35
N ALA A 178 24.96 -15.42 -33.82
CA ALA A 178 23.89 -15.04 -34.75
C ALA A 178 22.58 -15.02 -33.98
N PRO A 179 21.99 -13.87 -33.73
CA PRO A 179 20.65 -13.87 -33.14
C PRO A 179 19.61 -13.93 -34.26
N ASP A 180 18.66 -14.86 -34.19
CA ASP A 180 17.61 -14.98 -35.20
C ASP A 180 16.37 -14.20 -34.75
N ARG A 181 16.21 -13.00 -35.29
CA ARG A 181 15.10 -12.15 -34.90
C ARG A 181 13.76 -12.74 -35.28
N ASN A 182 13.71 -13.56 -36.34
CA ASN A 182 12.44 -14.19 -36.71
C ASN A 182 12.09 -15.29 -35.72
N ARG A 183 13.05 -16.14 -35.38
CA ARG A 183 12.80 -17.17 -34.40
C ARG A 183 12.57 -16.60 -33.02
N ILE A 184 13.21 -15.48 -32.70
CA ILE A 184 13.03 -14.88 -31.39
C ILE A 184 11.69 -14.18 -31.29
N ALA A 185 11.34 -13.38 -32.31
CA ALA A 185 10.03 -12.73 -32.31
C ALA A 185 8.90 -13.75 -32.23
N SER A 186 9.01 -14.85 -32.97
CA SER A 186 7.96 -15.85 -32.98
C SER A 186 7.85 -16.56 -31.63
N ARG A 187 8.97 -16.84 -30.98
CA ARG A 187 8.88 -17.53 -29.71
C ARG A 187 8.40 -16.62 -28.60
N LEU A 188 8.65 -15.33 -28.72
CA LEU A 188 8.20 -14.36 -27.73
C LEU A 188 6.71 -14.06 -27.87
N LEU A 189 6.20 -14.07 -29.09
CA LEU A 189 4.77 -13.89 -29.25
C LEU A 189 4.03 -15.08 -28.66
N ARG A 190 4.66 -16.25 -28.66
CA ARG A 190 4.01 -17.43 -28.08
C ARG A 190 4.03 -17.35 -26.57
N GLU A 191 5.16 -16.93 -25.99
CA GLU A 191 5.24 -16.85 -24.54
C GLU A 191 4.36 -15.73 -24.00
N LEU A 192 4.22 -14.64 -24.74
CA LEU A 192 3.21 -13.66 -24.40
C LEU A 192 1.84 -14.32 -24.31
N GLU A 193 1.38 -14.91 -25.41
CA GLU A 193 0.04 -15.48 -25.43
C GLU A 193 -0.18 -16.40 -24.23
N ALA A 194 0.85 -17.14 -23.84
CA ALA A 194 0.73 -18.04 -22.70
C ALA A 194 0.48 -17.28 -21.41
N ARG A 195 1.25 -16.22 -21.16
CA ARG A 195 1.09 -15.46 -19.91
C ARG A 195 -0.21 -14.67 -19.89
N ILE A 196 -0.68 -14.17 -21.03
CA ILE A 196 -1.89 -13.34 -21.02
C ILE A 196 -3.08 -14.17 -20.59
N ILE A 197 -3.15 -15.41 -21.07
CA ILE A 197 -4.23 -16.31 -20.69
C ILE A 197 -4.15 -16.69 -19.23
N GLN A 198 -2.93 -16.89 -18.70
CA GLN A 198 -2.76 -17.03 -17.26
C GLN A 198 -3.36 -15.82 -16.54
N TRP A 199 -3.00 -14.63 -17.01
CA TRP A 199 -3.52 -13.40 -16.42
C TRP A 199 -5.04 -13.35 -16.48
N ARG A 200 -5.61 -13.66 -17.63
CA ARG A 200 -7.08 -13.52 -17.77
C ARG A 200 -7.79 -14.51 -16.87
N ASN A 201 -7.27 -15.73 -16.76
CA ASN A 201 -7.96 -16.78 -15.97
C ASN A 201 -7.48 -16.72 -14.52
N ALA A 202 -6.89 -15.60 -14.13
CA ALA A 202 -6.36 -15.44 -12.78
C ALA A 202 -5.64 -16.70 -12.34
N ASN A 203 -4.80 -17.21 -13.23
CA ASN A 203 -3.94 -18.32 -12.91
C ASN A 203 -2.92 -17.87 -11.87
N PRO A 204 -2.83 -18.54 -10.71
CA PRO A 204 -1.85 -18.15 -9.69
C PRO A 204 -0.42 -18.55 -10.03
N GLN A 205 -0.22 -19.40 -11.05
CA GLN A 205 1.12 -19.68 -11.54
C GLN A 205 1.80 -18.42 -12.05
N LEU A 206 1.01 -17.44 -12.48
CA LEU A 206 1.60 -16.17 -12.92
C LEU A 206 2.27 -15.44 -11.77
N ALA A 207 1.64 -15.41 -10.59
CA ALA A 207 2.23 -14.64 -9.50
C ALA A 207 3.46 -15.34 -8.95
N ALA A 208 3.37 -16.67 -8.81
CA ALA A 208 4.47 -17.47 -8.28
C ALA A 208 5.70 -17.39 -9.16
N ASP A 209 5.54 -17.51 -10.48
CA ASP A 209 6.70 -17.48 -11.37
C ASP A 209 7.35 -16.12 -11.40
N TYR A 210 6.55 -15.06 -11.38
CA TYR A 210 7.12 -13.72 -11.30
C TYR A 210 8.02 -13.62 -10.07
N ARG A 211 7.51 -14.07 -8.93
CA ARG A 211 8.27 -14.01 -7.70
C ARG A 211 9.58 -14.79 -7.82
N ALA A 212 9.52 -15.97 -8.44
CA ALA A 212 10.68 -16.85 -8.53
C ALA A 212 11.83 -16.20 -9.31
N ARG A 213 11.50 -15.33 -10.26
CA ARG A 213 12.50 -14.81 -11.18
C ARG A 213 12.75 -13.34 -10.95
N SER A 214 12.22 -12.79 -9.86
CA SER A 214 12.39 -11.38 -9.52
C SER A 214 13.79 -11.13 -8.99
N LEU A 215 14.45 -10.13 -9.56
CA LEU A 215 15.70 -9.66 -8.98
C LEU A 215 15.44 -8.68 -7.86
N THR A 216 14.29 -8.01 -7.90
CA THR A 216 13.88 -7.03 -6.90
C THR A 216 13.56 -7.69 -5.56
N ILE A 217 12.74 -8.73 -5.58
CA ILE A 217 12.38 -9.38 -4.34
C ILE A 217 13.65 -9.93 -3.69
N GLY A 218 13.69 -9.80 -2.36
CA GLY A 218 14.69 -10.45 -1.55
C GLY A 218 15.93 -9.62 -1.32
N SER A 219 15.91 -8.36 -1.74
CA SER A 219 17.05 -7.48 -1.60
C SER A 219 16.60 -6.12 -1.09
N ARG A 220 17.50 -5.46 -0.36
CA ARG A 220 17.31 -4.05 -0.07
C ARG A 220 17.26 -3.25 -1.36
N VAL A 221 16.24 -2.37 -1.48
CA VAL A 221 16.02 -1.54 -2.66
C VAL A 221 15.71 -0.11 -2.22
N ARG A 222 15.75 0.79 -3.19
CA ARG A 222 15.55 2.21 -2.93
C ARG A 222 14.61 2.77 -3.98
N VAL A 223 13.60 3.51 -3.53
CA VAL A 223 12.53 4.01 -4.39
C VAL A 223 12.56 5.52 -4.33
N GLU A 224 12.72 6.17 -5.48
CA GLU A 224 12.92 7.62 -5.51
C GLU A 224 11.63 8.32 -5.95
N LEU A 225 11.11 9.17 -5.08
CA LEU A 225 9.78 9.70 -5.30
C LEU A 225 9.83 11.19 -5.58
N PRO A 226 8.90 11.70 -6.38
CA PRO A 226 8.89 13.12 -6.72
C PRO A 226 8.96 14.05 -5.51
N GLY A 227 10.03 14.82 -5.43
CA GLY A 227 10.19 15.81 -4.38
C GLY A 227 11.55 15.73 -3.73
N GLY A 228 12.39 14.81 -4.23
CA GLY A 228 13.60 14.43 -3.52
C GLY A 228 13.36 13.43 -2.42
N GLN A 229 12.22 12.75 -2.44
CA GLN A 229 11.86 11.82 -1.38
C GLN A 229 12.58 10.51 -1.63
N ASP A 230 12.93 9.78 -0.57
CA ASP A 230 13.52 8.46 -0.79
C ASP A 230 13.28 7.56 0.41
N VAL A 231 12.44 6.53 0.19
CA VAL A 231 12.23 5.42 1.12
C VAL A 231 13.19 4.28 0.77
N VAL A 232 13.73 3.62 1.78
CA VAL A 232 14.64 2.49 1.58
C VAL A 232 14.17 1.31 2.43
N GLY A 233 14.07 0.13 1.80
CA GLY A 233 13.59 -1.05 2.49
C GLY A 233 13.97 -2.30 1.74
N ILE A 234 13.53 -3.44 2.27
CA ILE A 234 13.71 -4.75 1.63
C ILE A 234 12.41 -5.12 0.98
N ALA A 235 12.48 -5.62 -0.25
CA ALA A 235 11.29 -5.99 -0.99
C ALA A 235 10.92 -7.41 -0.61
N ARG A 236 9.80 -7.56 0.11
CA ARG A 236 9.27 -8.83 0.59
C ARG A 236 8.32 -9.50 -0.40
N ASP A 237 7.46 -8.76 -1.08
CA ASP A 237 6.53 -9.43 -1.97
C ASP A 237 5.94 -8.38 -2.89
N ILE A 238 5.24 -8.86 -3.93
CA ILE A 238 4.36 -8.07 -4.77
C ILE A 238 2.95 -8.32 -4.24
N ASP A 239 2.14 -7.26 -4.16
CA ASP A 239 0.77 -7.43 -3.72
C ASP A 239 -0.09 -7.67 -4.95
N ASP A 240 -1.39 -7.88 -4.75
CA ASP A 240 -2.15 -8.49 -5.83
C ASP A 240 -2.54 -7.48 -6.90
N GLN A 241 -2.23 -6.20 -6.69
CA GLN A 241 -2.41 -5.19 -7.72
C GLN A 241 -1.15 -5.03 -8.57
N GLY A 242 -0.11 -5.82 -8.31
CA GLY A 242 1.17 -5.67 -8.99
C GLY A 242 2.09 -4.63 -8.38
N ARG A 243 1.89 -4.31 -7.10
CA ARG A 243 2.63 -3.27 -6.40
C ARG A 243 3.61 -3.90 -5.42
N LEU A 244 4.58 -3.10 -4.99
CA LEU A 244 5.76 -3.61 -4.30
C LEU A 244 5.62 -3.41 -2.78
N CYS A 245 5.56 -4.52 -2.06
CA CYS A 245 5.54 -4.48 -0.61
C CYS A 245 6.96 -4.37 -0.08
N LEU A 246 7.22 -3.34 0.73
CA LEU A 246 8.51 -3.15 1.37
C LEU A 246 8.41 -3.37 2.87
N ASP A 247 9.48 -3.90 3.47
CA ASP A 247 9.61 -3.92 4.92
C ASP A 247 10.45 -2.71 5.30
N VAL A 248 9.83 -1.77 6.01
CA VAL A 248 10.53 -0.58 6.52
C VAL A 248 10.37 -0.59 8.03
N GLY A 249 11.49 -0.66 8.74
CA GLY A 249 11.48 -0.75 10.19
C GLY A 249 10.49 -1.76 10.75
N GLY A 250 10.19 -2.81 9.98
CA GLY A 250 9.28 -3.86 10.37
C GLY A 250 7.91 -3.80 9.71
N ARG A 251 7.47 -2.62 9.28
CA ARG A 251 6.12 -2.44 8.78
C ARG A 251 6.09 -2.36 7.26
N THR A 252 5.00 -2.84 6.68
CA THR A 252 4.83 -2.86 5.23
C THR A 252 4.53 -1.46 4.71
N VAL A 253 5.35 -0.98 3.79
CA VAL A 253 4.99 0.12 2.90
C VAL A 253 4.80 -0.46 1.50
N VAL A 254 3.61 -0.28 0.96
CA VAL A 254 3.26 -0.61 -0.41
C VAL A 254 3.59 0.59 -1.30
N VAL A 255 4.05 0.32 -2.52
CA VAL A 255 4.40 1.38 -3.46
C VAL A 255 3.98 0.97 -4.86
N SER A 256 3.42 1.94 -5.60
CA SER A 256 2.81 1.68 -6.92
C SER A 256 3.83 1.76 -8.06
N ALA A 257 4.62 2.82 -8.13
CA ALA A 257 5.70 2.85 -9.13
C ALA A 257 6.82 3.75 -8.62
N GLY A 258 7.74 4.07 -9.52
CA GLY A 258 8.98 4.72 -9.14
C GLY A 258 10.08 3.88 -9.75
N ASP A 259 11.17 4.52 -10.10
CA ASP A 259 12.31 3.74 -10.56
C ASP A 259 12.94 3.16 -9.29
N VAL A 260 12.99 1.83 -9.23
CA VAL A 260 13.62 1.11 -8.12
C VAL A 260 15.11 0.99 -8.36
N VAL A 261 15.88 1.12 -7.29
CA VAL A 261 17.33 0.96 -7.33
C VAL A 261 17.70 -0.23 -6.46
N HIS A 262 18.21 -1.28 -7.09
CA HIS A 262 18.77 -2.37 -6.29
C HIS A 262 20.05 -1.91 -5.60
N LEU A 263 20.19 -2.29 -4.33
CA LEU A 263 21.32 -1.99 -3.45
C LEU A 263 21.89 -3.29 -2.88
N ARG A 264 22.10 -4.28 -3.76
CA ARG A 264 22.29 -5.68 -3.36
C ARG A 264 21.24 -6.12 -2.32
N ASP B 1 -3.26 24.32 40.61
CA ASP B 1 -4.45 24.88 41.27
C ASP B 1 -5.73 24.31 40.65
N ARG B 2 -5.53 23.29 39.84
CA ARG B 2 -6.59 22.71 39.02
C ARG B 2 -7.17 21.45 39.65
N ASP B 3 -6.63 21.03 40.81
CA ASP B 3 -7.07 19.82 41.50
C ASP B 3 -8.52 19.90 41.93
N ARG B 4 -9.00 21.12 42.26
CA ARG B 4 -10.37 21.27 42.73
C ARG B 4 -11.37 20.66 41.75
N LEU B 5 -11.09 20.80 40.45
CA LEU B 5 -11.92 20.30 39.36
C LEU B 5 -11.78 18.80 39.11
N ARG B 6 -11.03 18.05 39.94
CA ARG B 6 -10.77 16.64 39.68
C ARG B 6 -11.29 15.77 40.82
N PRO B 7 -12.60 15.51 40.86
CA PRO B 7 -13.14 14.59 41.85
C PRO B 7 -13.04 13.17 41.36
N PRO B 8 -13.21 12.20 42.24
CA PRO B 8 -13.12 10.79 41.84
C PRO B 8 -14.10 10.34 40.77
N LEU B 9 -13.92 9.10 40.35
CA LEU B 9 -14.95 8.34 39.67
C LEU B 9 -15.73 7.53 40.69
N ASP B 10 -17.01 7.32 40.40
CA ASP B 10 -17.83 6.41 41.17
C ASP B 10 -17.74 5.07 40.49
N GLU B 11 -16.91 4.18 41.03
CA GLU B 11 -16.83 2.83 40.49
C GLU B 11 -18.20 2.14 40.47
N ARG B 12 -18.97 2.30 41.55
CA ARG B 12 -20.24 1.58 41.63
C ARG B 12 -21.30 2.15 40.69
N SER B 13 -21.32 3.46 40.47
CA SER B 13 -22.31 4.04 39.56
C SER B 13 -22.06 3.61 38.12
N LEU B 14 -20.79 3.51 37.74
CA LEU B 14 -20.45 3.11 36.38
C LEU B 14 -20.76 1.64 36.14
N ARG B 15 -20.48 0.78 37.12
CA ARG B 15 -20.90 -0.60 37.01
C ARG B 15 -22.39 -0.73 36.74
N ASP B 16 -23.16 0.24 37.21
CA ASP B 16 -24.61 0.13 37.18
C ASP B 16 -25.18 0.57 35.84
N GLN B 17 -24.70 1.69 35.32
CA GLN B 17 -25.11 2.12 33.99
C GLN B 17 -24.73 1.08 32.94
N LEU B 18 -23.56 0.46 33.07
CA LEU B 18 -22.88 -0.14 31.94
C LEU B 18 -22.90 -1.66 31.94
N ILE B 19 -23.01 -2.29 33.09
CA ILE B 19 -23.04 -3.74 33.17
C ILE B 19 -24.47 -4.14 33.48
N GLY B 20 -25.12 -4.78 32.52
CA GLY B 20 -26.45 -5.29 32.75
C GLY B 20 -26.86 -6.21 31.61
N ALA B 21 -28.17 -6.40 31.48
CA ALA B 21 -28.70 -7.10 30.31
C ALA B 21 -28.68 -6.17 29.09
N GLY B 22 -28.46 -6.77 27.92
CA GLY B 22 -28.28 -6.05 26.67
C GLY B 22 -26.85 -5.56 26.44
N SER B 23 -26.23 -5.02 27.49
CA SER B 23 -24.88 -4.48 27.39
C SER B 23 -23.85 -5.60 27.18
N GLY B 24 -22.85 -5.29 26.36
CA GLY B 24 -21.81 -6.26 26.09
C GLY B 24 -20.65 -6.15 27.04
N TRP B 25 -20.58 -5.05 27.77
CA TRP B 25 -19.62 -4.95 28.86
C TRP B 25 -20.01 -5.89 29.98
N ARG B 26 -19.01 -6.32 30.73
CA ARG B 26 -19.19 -7.50 31.57
C ARG B 26 -18.42 -7.38 32.88
N GLN B 27 -17.41 -6.50 32.92
CA GLN B 27 -16.62 -6.30 34.13
C GLN B 27 -15.93 -4.96 34.06
N LEU B 28 -15.97 -4.19 35.16
CA LEU B 28 -15.46 -2.84 35.21
C LEU B 28 -14.87 -2.57 36.58
N ASP B 29 -13.63 -2.08 36.61
CA ASP B 29 -12.97 -1.71 37.85
C ASP B 29 -12.20 -0.39 37.67
N VAL B 30 -12.32 0.46 38.63
CA VAL B 30 -11.43 1.60 38.83
C VAL B 30 -10.25 1.12 39.67
N VAL B 31 -9.07 1.73 39.49
CA VAL B 31 -7.96 1.58 40.42
C VAL B 31 -7.32 2.96 40.65
N ALA B 32 -6.58 3.08 41.74
CA ALA B 32 -5.90 4.34 42.01
C ALA B 32 -4.65 4.53 41.14
N GLN B 33 -3.82 3.51 40.99
CA GLN B 33 -2.52 3.71 40.34
C GLN B 33 -2.12 2.44 39.62
N THR B 34 -1.34 2.60 38.55
CA THR B 34 -0.82 1.45 37.82
C THR B 34 0.26 1.90 36.85
N GLY B 35 1.03 0.92 36.35
CA GLY B 35 2.02 1.15 35.33
C GLY B 35 1.33 1.54 34.04
N SER B 36 0.67 0.58 33.40
CA SER B 36 -0.23 0.81 32.28
C SER B 36 -1.46 -0.05 32.42
N THR B 37 -2.60 0.52 31.98
CA THR B 37 -3.85 -0.24 31.88
C THR B 37 -3.77 -1.31 30.79
N ASN B 38 -3.13 -0.99 29.68
CA ASN B 38 -2.81 -2.00 28.69
C ASN B 38 -1.95 -3.09 29.32
N ALA B 39 -0.79 -2.71 29.87
CA ALA B 39 0.06 -3.65 30.58
C ALA B 39 -0.73 -4.60 31.50
N ASP B 40 -1.63 -4.05 32.33
CA ASP B 40 -2.30 -4.88 33.33
C ASP B 40 -3.29 -5.84 32.69
N LEU B 41 -4.01 -5.41 31.64
CA LEU B 41 -4.95 -6.30 30.98
C LEU B 41 -4.23 -7.35 30.12
N LEU B 42 -3.24 -6.92 29.32
CA LEU B 42 -2.38 -7.89 28.63
C LEU B 42 -1.93 -8.97 29.58
N ALA B 43 -1.39 -8.56 30.73
CA ALA B 43 -0.92 -9.51 31.73
C ALA B 43 -2.00 -10.54 32.07
N ARG B 44 -3.24 -10.09 32.26
CA ARG B 44 -4.34 -10.99 32.64
C ARG B 44 -4.61 -12.04 31.57
N ALA B 45 -4.67 -11.61 30.30
CA ALA B 45 -4.94 -12.55 29.23
C ALA B 45 -3.88 -13.63 29.21
N ALA B 46 -2.62 -13.26 29.48
CA ALA B 46 -1.49 -14.20 29.47
C ALA B 46 -1.61 -15.28 30.53
N SER B 47 -2.49 -15.13 31.51
CA SER B 47 -2.71 -16.18 32.50
C SER B 47 -4.04 -16.88 32.30
N GLY B 48 -4.60 -16.80 31.10
CA GLY B 48 -5.76 -17.59 30.76
C GLY B 48 -7.08 -16.98 31.16
N ALA B 49 -7.09 -15.70 31.51
CA ALA B 49 -8.33 -14.96 31.73
C ALA B 49 -9.06 -14.75 30.41
N ASP B 50 -10.40 -14.59 30.50
CA ASP B 50 -11.21 -14.14 29.37
C ASP B 50 -11.42 -12.66 29.57
N ILE B 51 -10.68 -11.84 28.83
CA ILE B 51 -10.75 -10.40 29.03
C ILE B 51 -11.71 -9.75 28.05
N ASP B 52 -12.42 -10.54 27.25
CA ASP B 52 -13.47 -10.00 26.38
C ASP B 52 -14.59 -9.38 27.23
N GLY B 53 -14.82 -8.09 27.04
CA GLY B 53 -15.85 -7.38 27.76
C GLY B 53 -15.41 -6.79 29.08
N VAL B 54 -14.11 -6.58 29.28
CA VAL B 54 -13.55 -6.16 30.56
C VAL B 54 -12.96 -4.75 30.45
N VAL B 55 -13.20 -3.94 31.46
CA VAL B 55 -12.80 -2.53 31.47
C VAL B 55 -11.96 -2.27 32.71
N LEU B 56 -10.74 -1.80 32.51
CA LEU B 56 -9.89 -1.36 33.58
C LEU B 56 -9.76 0.16 33.46
N ILE B 57 -10.09 0.88 34.54
CA ILE B 57 -9.94 2.32 34.59
C ILE B 57 -8.92 2.68 35.67
N ALA B 58 -7.94 3.51 35.29
CA ALA B 58 -6.95 4.02 36.24
C ALA B 58 -7.23 5.48 36.51
N GLU B 59 -7.29 5.85 37.79
CA GLU B 59 -7.34 7.26 38.13
C GLU B 59 -5.98 7.94 37.93
N HIS B 60 -4.92 7.15 37.75
CA HIS B 60 -3.59 7.67 37.50
C HIS B 60 -2.72 6.54 37.00
N GLN B 61 -2.00 6.73 35.90
CA GLN B 61 -1.06 5.69 35.46
C GLN B 61 0.33 6.30 35.30
N THR B 62 1.35 5.53 35.70
CA THR B 62 2.69 6.06 35.95
C THR B 62 3.74 5.66 34.93
N ALA B 63 3.52 4.58 34.16
CA ALA B 63 4.42 4.18 33.09
C ALA B 63 3.61 3.82 31.86
N GLY B 64 2.81 4.76 31.37
CA GLY B 64 1.95 4.48 30.23
C GLY B 64 2.74 4.36 28.94
N ARG B 65 2.09 3.78 27.94
CA ARG B 65 2.81 3.42 26.74
C ARG B 65 2.11 4.08 25.56
N GLY B 66 2.86 4.39 24.50
CA GLY B 66 2.28 4.77 23.23
C GLY B 66 2.83 3.96 22.08
N ARG B 67 2.46 4.39 20.87
CA ARG B 67 2.93 3.75 19.65
C ARG B 67 4.45 3.86 19.51
N HIS B 68 5.06 2.76 19.02
CA HIS B 68 6.49 2.70 18.72
C HIS B 68 7.35 2.93 19.98
N GLY B 69 6.94 2.32 21.08
CA GLY B 69 7.73 2.32 22.31
C GLY B 69 8.04 3.70 22.85
N ARG B 70 7.11 4.64 22.72
CA ARG B 70 7.22 5.97 23.33
C ARG B 70 6.32 6.08 24.56
N GLY B 71 6.18 7.30 25.09
CA GLY B 71 5.58 7.47 26.40
C GLY B 71 4.25 8.17 26.43
N TRP B 72 3.49 7.97 27.51
CA TRP B 72 2.21 8.65 27.74
C TRP B 72 2.20 9.21 29.16
N ALA B 73 1.98 10.52 29.30
CA ALA B 73 2.11 11.18 30.59
C ALA B 73 0.75 11.56 31.18
N ALA B 74 0.60 11.33 32.49
CA ALA B 74 -0.64 11.59 33.23
C ALA B 74 -0.32 12.26 34.56
N THR B 75 -1.27 13.03 35.08
CA THR B 75 -1.28 13.31 36.51
C THR B 75 -2.56 12.70 37.09
N ALA B 76 -2.58 12.50 38.41
CA ALA B 76 -3.73 11.84 39.02
C ALA B 76 -5.04 12.58 38.76
N ARG B 77 -6.04 11.84 38.28
CA ARG B 77 -7.44 12.24 38.13
C ARG B 77 -7.67 13.32 37.07
N ALA B 78 -6.69 13.55 36.17
CA ALA B 78 -6.78 14.55 35.11
C ALA B 78 -7.19 13.99 33.75
N GLN B 79 -7.18 12.68 33.58
CA GLN B 79 -7.60 12.09 32.33
C GLN B 79 -8.64 11.01 32.59
N ILE B 80 -9.19 10.51 31.51
CA ILE B 80 -9.88 9.23 31.48
C ILE B 80 -8.95 8.23 30.82
N ILE B 81 -8.47 7.27 31.60
CA ILE B 81 -7.52 6.26 31.15
C ILE B 81 -8.18 4.91 31.33
N LEU B 82 -8.25 4.12 30.24
CA LEU B 82 -8.88 2.82 30.36
C LEU B 82 -8.40 1.87 29.27
N SER B 83 -8.51 0.57 29.58
CA SER B 83 -8.26 -0.49 28.62
C SER B 83 -9.44 -1.46 28.59
N VAL B 84 -9.71 -1.98 27.41
CA VAL B 84 -10.79 -2.96 27.25
C VAL B 84 -10.23 -4.11 26.45
N GLY B 85 -10.81 -5.30 26.65
CA GLY B 85 -10.42 -6.48 25.94
C GLY B 85 -11.47 -6.84 24.88
N VAL B 86 -10.99 -7.15 23.69
CA VAL B 86 -11.84 -7.60 22.59
C VAL B 86 -11.23 -8.90 22.07
N ARG B 87 -12.06 -9.95 21.99
CA ARG B 87 -11.71 -11.17 21.29
C ARG B 87 -11.82 -10.95 19.78
N VAL B 88 -10.82 -11.41 19.03
CA VAL B 88 -10.78 -11.06 17.62
C VAL B 88 -10.64 -12.24 16.67
N VAL B 89 -10.35 -13.45 17.20
CA VAL B 89 -9.96 -14.55 16.31
C VAL B 89 -11.05 -14.87 15.30
N ASP B 90 -12.29 -14.65 15.65
CA ASP B 90 -13.24 -14.89 14.59
C ASP B 90 -13.14 -13.81 13.43
N VAL B 91 -12.17 -12.91 13.41
CA VAL B 91 -12.03 -11.93 12.33
C VAL B 91 -10.71 -12.15 11.60
N PRO B 92 -10.66 -11.91 10.28
CA PRO B 92 -9.36 -11.96 9.57
C PRO B 92 -8.37 -10.91 10.07
N VAL B 93 -7.10 -11.32 10.18
CA VAL B 93 -6.05 -10.42 10.67
C VAL B 93 -5.98 -9.14 9.86
N GLN B 94 -6.14 -9.23 8.54
CA GLN B 94 -6.05 -8.03 7.72
C GLN B 94 -7.05 -6.96 8.11
N ALA B 95 -8.03 -7.31 8.94
CA ALA B 95 -9.08 -6.40 9.38
C ALA B 95 -8.81 -5.75 10.73
N TRP B 96 -7.72 -6.11 11.41
CA TRP B 96 -7.56 -5.60 12.76
C TRP B 96 -7.07 -4.16 12.80
N GLY B 97 -6.68 -3.59 11.67
CA GLY B 97 -6.36 -2.17 11.67
C GLY B 97 -7.58 -1.35 12.05
N TRP B 98 -8.75 -1.75 11.54
CA TRP B 98 -9.97 -0.99 11.69
C TRP B 98 -10.37 -0.84 13.14
N LEU B 99 -10.01 -1.82 13.97
CA LEU B 99 -10.42 -1.82 15.36
C LEU B 99 -9.82 -0.65 16.13
N SER B 100 -8.57 -0.29 15.78
CA SER B 100 -7.85 0.78 16.45
C SER B 100 -8.23 2.14 15.84
N LEU B 101 -8.86 2.12 14.67
CA LEU B 101 -9.54 3.26 14.07
C LEU B 101 -10.99 3.38 14.55
N ALA B 102 -11.72 2.26 14.57
CA ALA B 102 -13.07 2.29 15.13
C ALA B 102 -13.09 2.87 16.55
N ALA B 103 -12.03 2.67 17.32
CA ALA B 103 -11.97 3.30 18.63
C ALA B 103 -11.86 4.81 18.51
N GLY B 104 -11.13 5.31 17.51
CA GLY B 104 -11.00 6.75 17.35
C GLY B 104 -12.34 7.43 17.16
N LEU B 105 -13.17 6.90 16.25
CA LEU B 105 -14.56 7.34 16.13
C LEU B 105 -15.22 7.48 17.48
N ALA B 106 -15.13 6.41 18.30
CA ALA B 106 -15.85 6.34 19.56
C ALA B 106 -15.40 7.43 20.52
N VAL B 107 -14.09 7.60 20.68
CA VAL B 107 -13.62 8.64 21.59
C VAL B 107 -14.06 10.00 21.10
N LEU B 108 -13.85 10.25 19.80
CA LEU B 108 -14.19 11.54 19.23
C LEU B 108 -15.70 11.79 19.26
N ASP B 109 -16.52 10.74 19.20
CA ASP B 109 -17.96 10.97 19.19
C ASP B 109 -18.44 11.42 20.57
N SER B 110 -17.92 10.81 21.62
CA SER B 110 -18.44 11.03 22.96
C SER B 110 -18.13 12.43 23.47
N VAL B 111 -17.12 13.09 22.94
CA VAL B 111 -16.73 14.39 23.46
C VAL B 111 -16.86 15.51 22.44
N ALA B 112 -17.00 15.19 21.16
CA ALA B 112 -17.25 16.23 20.15
C ALA B 112 -18.40 17.16 20.50
N PRO B 113 -19.50 16.74 21.14
CA PRO B 113 -20.56 17.70 21.44
C PRO B 113 -20.21 18.74 22.49
N LEU B 114 -19.29 18.45 23.42
CA LEU B 114 -18.96 19.44 24.44
C LEU B 114 -18.05 20.55 23.90
N ILE B 115 -17.40 20.34 22.76
CA ILE B 115 -16.56 21.34 22.10
C ILE B 115 -17.45 22.30 21.32
N ALA B 116 -16.89 23.42 20.84
CA ALA B 116 -17.66 24.43 20.12
C ALA B 116 -17.06 24.88 18.81
N VAL B 117 -15.80 24.54 18.51
CA VAL B 117 -15.18 24.85 17.22
C VAL B 117 -15.27 23.59 16.36
N PRO B 118 -15.73 23.72 15.10
CA PRO B 118 -15.90 22.52 14.27
N ALA B 120 -12.81 24.00 14.03
CA ALA B 120 -11.49 24.00 13.38
C ALA B 120 -10.96 22.59 13.19
N GLU B 121 -9.86 22.31 13.90
CA GLU B 121 -9.16 21.04 13.76
C GLU B 121 -9.71 20.01 14.75
N THR B 122 -11.02 19.72 14.63
CA THR B 122 -11.72 18.78 15.51
C THR B 122 -12.05 17.52 14.71
N GLY B 123 -11.33 16.44 14.97
CA GLY B 123 -11.52 15.21 14.22
C GLY B 123 -10.37 14.26 14.46
N LEU B 124 -10.19 13.33 13.54
CA LEU B 124 -9.19 12.28 13.66
C LEU B 124 -8.03 12.50 12.69
N LYS B 125 -6.82 12.52 13.27
CA LYS B 125 -5.60 12.39 12.49
C LYS B 125 -5.12 10.94 12.39
N TRP B 126 -4.80 10.54 11.16
CA TRP B 126 -4.30 9.18 10.93
C TRP B 126 -3.14 8.83 11.87
N PRO B 127 -3.19 7.68 12.53
CA PRO B 127 -4.34 6.81 12.31
C PRO B 127 -5.56 7.13 13.17
N ASN B 128 -5.37 7.05 14.49
CA ASN B 128 -6.44 7.07 15.47
C ASN B 128 -6.27 8.20 16.48
N ASP B 129 -5.69 9.31 16.06
CA ASP B 129 -5.37 10.39 16.99
C ASP B 129 -6.47 11.42 16.96
N VAL B 130 -6.93 11.82 18.15
CA VAL B 130 -8.05 12.75 18.29
C VAL B 130 -7.46 14.15 18.46
N LEU B 131 -7.81 15.06 17.55
CA LEU B 131 -7.32 16.43 17.61
C LEU B 131 -8.45 17.42 17.85
N ALA B 132 -8.13 18.48 18.58
CA ALA B 132 -9.02 19.62 18.76
C ALA B 132 -8.19 20.88 18.68
N ARG B 133 -8.55 21.80 17.77
CA ARG B 133 -7.71 22.93 17.39
C ARG B 133 -6.22 22.62 17.47
N GLY B 134 -5.79 21.52 16.89
CA GLY B 134 -4.36 21.23 16.77
C GLY B 134 -3.69 20.41 17.86
N GLY B 135 -4.01 20.70 19.13
CA GLY B 135 -3.45 19.91 20.20
C GLY B 135 -4.01 18.50 20.22
N LYS B 136 -3.19 17.56 20.68
CA LYS B 136 -3.65 16.19 20.78
C LYS B 136 -4.50 16.03 22.04
N LEU B 137 -5.76 15.64 21.85
CA LEU B 137 -6.76 15.54 22.89
C LEU B 137 -6.84 14.14 23.50
N ALA B 138 -6.52 13.12 22.70
CA ALA B 138 -6.71 11.72 23.07
C ALA B 138 -5.72 10.86 22.28
N GLY B 139 -5.15 9.87 22.94
CA GLY B 139 -4.36 8.84 22.27
C GLY B 139 -4.96 7.46 22.46
N ILE B 140 -4.93 6.66 21.38
CA ILE B 140 -5.38 5.28 21.38
C ILE B 140 -4.20 4.36 21.06
N LEU B 141 -4.04 3.30 21.85
CA LEU B 141 -3.00 2.30 21.66
C LEU B 141 -3.64 0.93 21.66
N ALA B 142 -3.53 0.21 20.54
CA ALA B 142 -4.01 -1.16 20.46
C ALA B 142 -2.81 -2.10 20.52
N GLU B 143 -2.84 -3.05 21.45
CA GLU B 143 -1.85 -4.10 21.59
C GLU B 143 -2.52 -5.47 21.49
N VAL B 144 -1.73 -6.52 21.29
CA VAL B 144 -2.22 -7.82 20.83
C VAL B 144 -1.79 -8.94 21.77
N ALA B 145 -2.78 -9.66 22.32
CA ALA B 145 -2.54 -10.89 23.11
C ALA B 145 -3.57 -11.92 22.68
N GLN B 146 -3.23 -12.71 21.64
CA GLN B 146 -4.14 -13.68 21.06
C GLN B 146 -4.73 -14.63 22.11
N PRO B 147 -6.07 -14.83 22.12
CA PRO B 147 -7.02 -14.41 21.09
C PRO B 147 -7.57 -12.98 21.16
N PHE B 148 -6.97 -12.10 21.97
CA PHE B 148 -7.56 -10.81 22.28
C PHE B 148 -6.78 -9.65 21.66
N VAL B 149 -7.45 -8.49 21.60
CA VAL B 149 -6.76 -7.22 21.45
C VAL B 149 -7.15 -6.37 22.66
N VAL B 150 -6.17 -5.63 23.20
CA VAL B 150 -6.39 -4.65 24.26
C VAL B 150 -6.32 -3.25 23.66
N LEU B 151 -7.37 -2.45 23.90
CA LEU B 151 -7.49 -1.07 23.46
C LEU B 151 -7.31 -0.15 24.66
N GLY B 152 -6.34 0.77 24.57
CA GLY B 152 -6.10 1.78 25.59
C GLY B 152 -6.49 3.15 25.09
N VAL B 153 -7.05 3.97 25.98
CA VAL B 153 -7.53 5.31 25.64
C VAL B 153 -7.05 6.25 26.72
N GLY B 154 -6.26 7.24 26.35
CA GLY B 154 -5.98 8.31 27.29
C GLY B 154 -6.60 9.60 26.82
N LEU B 155 -7.62 10.10 27.53
CA LEU B 155 -8.35 11.30 27.13
C LEU B 155 -8.04 12.44 28.12
N ASN B 156 -7.55 13.58 27.59
CA ASN B 156 -7.17 14.73 28.41
C ASN B 156 -8.42 15.52 28.78
N VAL B 157 -8.77 15.53 30.06
CA VAL B 157 -10.00 16.18 30.48
C VAL B 157 -9.68 17.52 31.16
N THR B 158 -8.93 17.50 32.25
CA THR B 158 -8.42 18.74 32.83
C THR B 158 -6.90 18.78 32.80
N GLN B 159 -6.28 17.82 32.12
CA GLN B 159 -4.83 17.73 32.06
C GLN B 159 -4.23 18.96 31.38
N ALA B 160 -3.30 19.63 32.06
CA ALA B 160 -2.70 20.87 31.58
C ALA B 160 -1.50 20.56 30.69
N PRO B 161 -1.30 21.31 29.60
CA PRO B 161 -0.25 20.95 28.65
C PRO B 161 1.15 21.03 29.23
N GLU B 162 1.45 22.10 29.96
CA GLU B 162 2.67 22.13 30.77
C GLU B 162 2.89 20.85 31.58
N GLU B 163 1.83 20.19 32.03
CA GLU B 163 2.04 18.95 32.77
C GLU B 163 2.58 17.81 31.88
N VAL B 164 2.32 17.82 30.57
CA VAL B 164 2.47 16.58 29.81
C VAL B 164 3.20 16.75 28.48
N ASP B 165 2.86 17.77 27.69
CA ASP B 165 3.37 17.88 26.33
C ASP B 165 2.98 19.22 25.70
N PRO B 166 3.94 19.91 25.09
CA PRO B 166 3.66 21.19 24.41
C PRO B 166 2.40 21.25 23.56
N ASP B 167 2.16 20.21 22.76
CA ASP B 167 1.07 20.24 21.79
C ASP B 167 -0.29 20.00 22.45
N ALA B 168 -0.35 19.04 23.38
CA ALA B 168 -1.58 18.61 24.02
C ALA B 168 -2.59 19.71 24.30
N THR B 169 -3.88 19.38 24.22
CA THR B 169 -4.95 20.22 24.76
C THR B 169 -5.87 19.34 25.59
N SER B 170 -6.74 19.96 26.38
CA SER B 170 -7.70 19.22 27.20
C SER B 170 -9.09 19.82 26.99
N LEU B 171 -10.10 19.14 27.54
CA LEU B 171 -11.47 19.65 27.43
C LEU B 171 -11.63 21.00 28.11
N LEU B 172 -10.86 21.27 29.16
CA LEU B 172 -10.93 22.54 29.87
C LEU B 172 -10.16 23.64 29.14
N ASP B 173 -9.08 23.29 28.45
CA ASP B 173 -8.32 24.24 27.62
C ASP B 173 -9.05 24.63 26.35
N LEU B 174 -10.06 23.86 25.95
CA LEU B 174 -10.99 24.20 24.89
C LEU B 174 -12.27 24.81 25.43
N GLY B 175 -12.29 25.15 26.72
CA GLY B 175 -13.34 25.97 27.30
C GLY B 175 -14.51 25.25 27.94
N VAL B 176 -14.44 23.93 28.11
CA VAL B 176 -15.52 23.22 28.82
C VAL B 176 -15.49 23.62 30.29
N ALA B 177 -16.65 24.01 30.81
CA ALA B 177 -16.76 24.56 32.15
C ALA B 177 -16.95 23.41 33.14
N ALA B 178 -15.89 23.08 33.86
CA ALA B 178 -15.91 22.03 34.86
C ALA B 178 -16.50 20.73 34.29
N PRO B 179 -15.69 19.90 33.61
CA PRO B 179 -16.22 18.65 33.05
C PRO B 179 -16.53 17.63 34.15
N ASP B 180 -17.25 16.57 33.75
CA ASP B 180 -17.53 15.44 34.63
C ASP B 180 -17.00 14.18 33.99
N ARG B 181 -16.05 13.52 34.65
CA ARG B 181 -15.47 12.31 34.10
C ARG B 181 -16.43 11.12 34.19
N ASN B 182 -17.45 11.19 35.04
CA ASN B 182 -18.37 10.06 35.16
C ASN B 182 -19.38 10.02 34.03
N ARG B 183 -19.76 11.18 33.49
CA ARG B 183 -20.63 11.19 32.32
C ARG B 183 -19.87 10.84 31.04
N ILE B 184 -18.65 11.36 30.90
CA ILE B 184 -17.85 11.12 29.70
C ILE B 184 -17.52 9.64 29.58
N ALA B 185 -17.10 9.02 30.69
CA ALA B 185 -16.80 7.60 30.68
C ALA B 185 -17.99 6.77 30.21
N SER B 186 -19.22 7.21 30.54
CA SER B 186 -20.40 6.45 30.13
C SER B 186 -20.68 6.58 28.64
N ARG B 187 -20.51 7.77 28.07
CA ARG B 187 -20.70 7.89 26.63
C ARG B 187 -19.56 7.19 25.89
N LEU B 188 -18.33 7.43 26.33
CA LEU B 188 -17.17 6.81 25.69
C LEU B 188 -17.37 5.31 25.58
N LEU B 189 -17.79 4.67 26.67
CA LEU B 189 -17.94 3.22 26.73
C LEU B 189 -19.17 2.72 25.96
N ARG B 190 -20.25 3.49 25.90
CA ARG B 190 -21.38 3.10 25.06
C ARG B 190 -21.05 3.24 23.57
N GLU B 191 -20.20 4.20 23.21
CA GLU B 191 -19.75 4.31 21.82
C GLU B 191 -18.87 3.15 21.42
N LEU B 192 -17.87 2.80 22.25
CA LEU B 192 -16.99 1.68 21.94
C LEU B 192 -17.78 0.42 21.67
N GLU B 193 -18.61 0.02 22.63
CA GLU B 193 -19.56 -1.08 22.46
C GLU B 193 -20.14 -1.10 21.05
N ALA B 194 -20.72 0.03 20.64
CA ALA B 194 -21.33 0.14 19.32
C ALA B 194 -20.31 -0.07 18.21
N ARG B 195 -19.23 0.73 18.22
CA ARG B 195 -18.23 0.63 17.17
C ARG B 195 -17.63 -0.77 17.07
N ILE B 196 -17.46 -1.47 18.20
CA ILE B 196 -16.82 -2.79 18.18
C ILE B 196 -17.71 -3.80 17.50
N ILE B 197 -19.00 -3.80 17.82
CA ILE B 197 -19.95 -4.67 17.13
C ILE B 197 -19.96 -4.34 15.64
N GLN B 198 -19.93 -3.05 15.31
CA GLN B 198 -19.87 -2.63 13.91
C GLN B 198 -18.62 -3.19 13.23
N TRP B 199 -17.45 -2.97 13.82
CA TRP B 199 -16.24 -3.57 13.28
C TRP B 199 -16.42 -5.07 13.13
N ARG B 200 -16.89 -5.72 14.19
CA ARG B 200 -16.96 -7.18 14.22
C ARG B 200 -17.78 -7.74 13.04
N ASN B 201 -18.90 -7.09 12.72
CA ASN B 201 -19.75 -7.49 11.58
C ASN B 201 -19.38 -6.78 10.29
N ALA B 202 -18.18 -6.20 10.22
CA ALA B 202 -17.65 -5.46 9.06
C ALA B 202 -18.70 -4.59 8.38
N ASN B 203 -19.16 -3.58 9.10
CA ASN B 203 -20.21 -2.67 8.65
C ASN B 203 -19.59 -1.58 7.78
N PRO B 204 -20.14 -1.32 6.59
N PRO B 204 -20.13 -1.34 6.58
CA PRO B 204 -19.54 -0.30 5.72
CA PRO B 204 -19.53 -0.30 5.72
C PRO B 204 -19.58 1.11 6.30
C PRO B 204 -19.57 1.11 6.31
N GLN B 205 -20.59 1.46 7.08
CA GLN B 205 -20.69 2.84 7.56
C GLN B 205 -19.61 3.19 8.57
N LEU B 206 -18.94 2.20 9.14
CA LEU B 206 -17.73 2.45 9.93
C LEU B 206 -16.66 3.18 9.10
N ALA B 207 -16.45 2.75 7.86
CA ALA B 207 -15.49 3.43 6.99
C ALA B 207 -16.00 4.80 6.57
N ALA B 208 -17.26 4.88 6.15
CA ALA B 208 -17.81 6.15 5.74
C ALA B 208 -17.77 7.15 6.87
N ASP B 209 -17.94 6.70 8.11
CA ASP B 209 -17.95 7.61 9.25
C ASP B 209 -16.55 8.08 9.60
N TYR B 210 -15.52 7.27 9.32
CA TYR B 210 -14.15 7.74 9.55
C TYR B 210 -13.75 8.77 8.50
N ARG B 211 -14.26 8.63 7.27
CA ARG B 211 -13.99 9.65 6.27
C ARG B 211 -14.62 10.97 6.66
N ALA B 212 -15.86 10.94 7.13
CA ALA B 212 -16.51 12.18 7.55
C ALA B 212 -15.79 12.83 8.73
N ARG B 213 -15.12 12.04 9.55
CA ARG B 213 -14.49 12.53 10.76
C ARG B 213 -13.01 12.82 10.60
N SER B 214 -12.44 12.60 9.42
CA SER B 214 -11.00 12.65 9.30
C SER B 214 -10.51 14.07 9.07
N LEU B 215 -9.47 14.47 9.80
CA LEU B 215 -8.76 15.70 9.51
C LEU B 215 -7.60 15.53 8.53
N THR B 216 -7.17 14.30 8.30
CA THR B 216 -5.95 14.05 7.54
C THR B 216 -6.23 13.89 6.04
N ILE B 217 -7.33 13.24 5.68
CA ILE B 217 -7.65 13.03 4.27
C ILE B 217 -7.85 14.37 3.59
N GLY B 218 -6.99 14.67 2.61
CA GLY B 218 -7.09 15.87 1.81
C GLY B 218 -6.00 16.89 2.07
N SER B 219 -5.21 16.71 3.12
CA SER B 219 -4.15 17.64 3.47
C SER B 219 -2.80 17.21 2.89
N ARG B 220 -1.92 18.18 2.70
CA ARG B 220 -0.50 17.85 2.57
C ARG B 220 0.00 17.48 3.95
N VAL B 221 0.73 16.38 4.01
CA VAL B 221 1.18 15.83 5.28
C VAL B 221 2.61 15.35 5.08
N ARG B 222 3.29 15.19 6.20
CA ARG B 222 4.61 14.57 6.25
C ARG B 222 4.51 13.46 7.28
N VAL B 223 4.57 12.22 6.82
CA VAL B 223 4.39 11.06 7.69
C VAL B 223 5.77 10.57 8.08
N GLU B 224 6.01 10.44 9.39
CA GLU B 224 7.29 9.96 9.91
C GLU B 224 7.18 8.46 10.11
N LEU B 225 8.07 7.71 9.49
CA LEU B 225 7.85 6.29 9.36
C LEU B 225 8.74 5.52 10.31
N PRO B 226 8.21 4.42 10.88
CA PRO B 226 9.04 3.45 11.61
C PRO B 226 10.30 3.04 10.87
N GLY B 227 11.46 3.48 11.35
CA GLY B 227 12.71 3.35 10.64
C GLY B 227 13.44 4.67 10.59
N GLY B 228 12.71 5.76 10.86
CA GLY B 228 13.26 7.09 10.92
C GLY B 228 13.24 7.86 9.61
N GLN B 229 12.62 7.31 8.56
CA GLN B 229 12.54 7.98 7.27
C GLN B 229 11.23 8.73 7.10
N ASP B 230 11.27 9.75 6.27
CA ASP B 230 10.13 10.66 6.16
C ASP B 230 9.67 10.74 4.71
N VAL B 231 8.36 10.93 4.56
CA VAL B 231 7.76 11.06 3.24
C VAL B 231 6.74 12.20 3.32
N VAL B 232 6.79 13.12 2.34
CA VAL B 232 5.84 14.21 2.23
C VAL B 232 4.98 14.00 1.00
N GLY B 233 3.68 14.18 1.17
CA GLY B 233 2.75 14.02 0.09
C GLY B 233 1.40 14.54 0.50
N ILE B 234 0.38 14.10 -0.21
CA ILE B 234 -0.99 14.42 0.13
C ILE B 234 -1.76 13.15 0.46
N ALA B 235 -2.45 13.15 1.60
CA ALA B 235 -3.32 12.05 1.99
C ALA B 235 -4.58 12.06 1.11
N ARG B 236 -4.90 10.92 0.52
CA ARG B 236 -6.00 10.88 -0.42
C ARG B 236 -7.19 10.06 0.08
N ASP B 237 -6.94 9.04 0.88
CA ASP B 237 -8.02 8.17 1.32
C ASP B 237 -7.49 7.13 2.29
N ILE B 238 -8.37 6.22 2.72
CA ILE B 238 -8.06 5.14 3.64
C ILE B 238 -8.25 3.82 2.91
N ASP B 239 -7.15 3.07 2.77
CA ASP B 239 -7.17 1.71 2.24
C ASP B 239 -8.26 0.88 2.92
N ASP B 240 -8.53 -0.28 2.36
CA ASP B 240 -9.67 -1.07 2.86
C ASP B 240 -9.24 -2.00 4.01
N GLN B 241 -7.91 -2.05 4.29
CA GLN B 241 -7.30 -2.52 5.55
C GLN B 241 -7.21 -1.40 6.59
N GLY B 242 -7.61 -0.21 6.22
CA GLY B 242 -7.48 0.97 7.06
C GLY B 242 -6.23 1.78 6.81
N ARG B 243 -5.44 1.43 5.81
CA ARG B 243 -4.14 2.05 5.63
C ARG B 243 -4.27 3.37 4.90
N LEU B 244 -3.22 4.17 5.01
CA LEU B 244 -3.25 5.54 4.54
C LEU B 244 -2.63 5.60 3.15
N CYS B 245 -3.33 6.27 2.23
CA CYS B 245 -2.86 6.43 0.85
C CYS B 245 -2.26 7.81 0.69
N LEU B 246 -0.99 7.87 0.27
CA LEU B 246 -0.25 9.12 0.06
C LEU B 246 0.02 9.39 -1.42
N ASP B 247 -0.36 10.57 -1.88
CA ASP B 247 0.07 11.05 -3.19
C ASP B 247 1.43 11.72 -3.04
N VAL B 248 2.47 11.11 -3.62
CA VAL B 248 3.77 11.77 -3.59
C VAL B 248 4.13 12.17 -5.02
N GLY B 249 3.62 13.32 -5.45
CA GLY B 249 3.88 13.80 -6.80
C GLY B 249 3.58 12.81 -7.90
N GLY B 250 2.51 12.05 -7.74
CA GLY B 250 2.18 11.03 -8.72
C GLY B 250 1.99 9.65 -8.11
N ARG B 251 3.07 9.09 -7.56
CA ARG B 251 3.13 7.72 -7.05
C ARG B 251 2.20 7.56 -5.86
N THR B 252 1.70 6.35 -5.67
CA THR B 252 0.94 6.03 -4.46
C THR B 252 1.82 5.30 -3.46
N VAL B 253 1.86 5.80 -2.23
CA VAL B 253 2.50 5.09 -1.13
C VAL B 253 1.42 4.81 -0.09
N VAL B 254 1.21 3.53 0.21
CA VAL B 254 0.27 3.09 1.23
C VAL B 254 1.06 2.72 2.48
N VAL B 255 0.80 3.38 3.61
CA VAL B 255 1.58 3.17 4.81
C VAL B 255 0.69 2.62 5.91
N SER B 256 1.22 1.67 6.67
CA SER B 256 0.41 1.01 7.67
C SER B 256 0.69 1.50 9.08
N ALA B 257 1.81 2.19 9.28
CA ALA B 257 2.22 2.68 10.58
C ALA B 257 2.93 4.01 10.36
N GLY B 258 2.94 4.84 11.39
CA GLY B 258 3.61 6.11 11.26
C GLY B 258 2.92 7.26 11.95
N ASP B 259 3.62 8.39 12.04
CA ASP B 259 3.13 9.55 12.76
C ASP B 259 2.95 10.69 11.76
N VAL B 260 1.70 11.09 11.58
CA VAL B 260 1.30 12.14 10.65
C VAL B 260 1.52 13.52 11.28
N VAL B 261 2.06 14.43 10.48
CA VAL B 261 2.26 15.82 10.85
C VAL B 261 1.66 16.67 9.73
N HIS B 262 0.59 17.39 10.04
CA HIS B 262 -0.15 18.11 9.02
C HIS B 262 0.57 19.38 8.59
N LEU B 263 0.45 19.73 7.31
CA LEU B 263 1.15 20.91 6.80
C LEU B 263 0.16 21.91 6.17
C18 A1BGF C . 11.02 0.79 -19.91
C17 A1BGF C . 11.50 2.20 -19.79
C16 A1BGF C . 12.73 2.78 -20.13
C14 A1BGF C . 13.67 5.20 -20.01
C13 A1BGF C . 15.11 4.70 -19.78
C10 A1BGF C . 17.12 1.88 -24.23
C11 A1BGF C . 16.80 3.75 -20.97
C20 A1BGF C . 10.35 0.79 -22.50
C21 A1BGF C . 9.19 0.79 -23.56
C22 A1BGF C . 9.60 0.56 -25.04
C23 A1BGF C . 8.62 -0.24 -25.92
C25 A1BGF C . 7.90 -0.91 -28.26
C26 A1BGF C . 6.81 -0.07 -27.72
C28 A1BGF C . 6.92 2.28 -27.56
N30 A1BGF C . 7.29 1.82 -26.30
C31 A1BGF C . 7.27 0.38 -26.23
C02 A1BGF C . 17.54 0.74 -24.94
C04 A1BGF C . 18.33 -0.09 -22.90
C06 A1BGF C . 17.37 1.94 -22.80
C08 A1BGF C . 16.32 3.78 -23.51
C19 A1BGF C . 9.99 0.44 -21.00
C34 A1BGF C . 16.10 5.92 -19.96
C36 A1BGF C . 17.20 5.27 -20.83
N01 A1BGF C . 17.37 0.57 -26.30
N03 A1BGF C . 18.16 -0.24 -24.26
N05 A1BGF C . 17.99 0.93 -22.11
N07 A1BGF C . 16.86 3.16 -22.34
N09 A1BGF C . 16.46 3.07 -24.62
N15 A1BGF C . 12.65 4.15 -19.83
N27 A1BGF C . 6.64 1.21 -28.38
N32 A1BGF C . 10.74 3.29 -19.28
N33 A1BGF C . 11.40 4.36 -19.30
O12 A1BGF C . 15.45 3.75 -20.60
O29 A1BGF C . 6.86 3.48 -27.86
O35 A1BGF C . 16.53 6.31 -18.71
O37 A1BGF C . 18.38 5.38 -20.09
S24 A1BGF C . 9.46 -0.44 -27.50
C18 A1BGF D . -0.64 7.76 21.22
C17 A1BGF D . 0.82 8.13 21.39
C16 A1BGF D . 1.44 9.26 21.94
C14 A1BGF D . 3.92 9.97 22.28
C13 A1BGF D . 3.67 11.49 22.29
C10 A1BGF D . 0.46 13.31 26.45
C11 A1BGF D . 2.79 13.13 23.54
C20 A1BGF D . -1.09 6.48 23.48
C21 A1BGF D . -2.07 5.56 24.22
C22 A1BGF D . -2.30 5.85 25.75
C23 A1BGF D . -3.28 4.87 26.44
C25 A1BGF D . -4.39 3.98 28.46
C26 A1BGF D . -3.55 2.86 27.94
C28 A1BGF D . -1.19 2.67 28.21
N30 A1BGF D . -1.39 3.25 26.93
C31 A1BGF D . -2.82 3.43 26.64
C02 A1BGF D . -0.80 13.69 26.97
C04 A1BGF D . -1.28 14.51 24.84
C06 A1BGF D . 0.75 13.59 25.05
C08 A1BGF D . 2.45 12.57 26.02
C19 A1BGF D . -1.19 6.50 21.92
C34 A1BGF D . 4.96 12.15 22.90
C36 A1BGF D . 4.36 13.26 23.74
N01 A1BGF D . -1.21 13.49 28.30
N03 A1BGF D . -1.67 14.31 26.14
N05 A1BGF D . -0.13 14.19 24.24
N07 A1BGF D . 1.99 13.13 24.79
N09 A1BGF D . 1.57 12.66 27.03
N15 A1BGF D . 2.82 9.10 21.83
N27 A1BGF D . -2.43 2.44 28.79
N32 A1BGF D . 1.90 7.35 21.00
N33 A1BGF D . 3.01 7.89 21.25
O12 A1BGF D . 2.68 11.86 23.00
O29 A1BGF D . -0.07 2.41 28.68
O35 A1BGF D . 5.74 12.59 21.87
O37 A1BGF D . 4.82 14.42 23.17
S24 A1BGF D . -3.59 5.55 28.07
#